data_4IH8
#
_entry.id   4IH8
#
_cell.length_a   47.728
_cell.length_b   71.826
_cell.length_c   65.646
_cell.angle_alpha   90.000
_cell.angle_beta   99.570
_cell.angle_gamma   90.000
#
_symmetry.space_group_name_H-M   'P 1 21 1'
#
loop_
_entity.id
_entity.type
_entity.pdbx_description
1 polymer 'Calmodulin-domain protein kinase 1'
2 non-polymer 4-Amino-5-(4-phenoxyphenyl)-7H-pyrrolo[2,3-d]pyrimidin-7-yl-cyclopentane
3 water water
#
_entity_poly.entity_id   1
_entity_poly.type   'polypeptide(L)'
_entity_poly.pdbx_seq_one_letter_code
;MGQQESTLGGAAGEPRSRGHAAGTSGGPGDHLHATPGMFVQHSTAIFSDRYKGQRVLGKGSFGEVILCKDKITGQECAVK
VISKRQVKQKTDKESLLREVQLLKQLDHPNIMKLYEFFEDKGYFYLVGEVYTGGELFDEIISRKRFSEVDAARIIRQVLS
GITYMHKNKIVHRDLKPENLLLESKSKDANIRIIDFGLSTHFEASKKMKDKIGTAYYIAPEVLHGTYDEKCDVWSTGVIL
YILLSGCPPFNGANEYDILKKVEKGKYTFELPQWKKVSESAKDLIRKMLTYVPSMRISARDALDHEWIQTYTKEQISVDV
PSLDNAILNIRQFQGTQKLAQAALLYMGSKLTSQDETKELTAIFHKMDKNGDGQLDRAELIEGYKELMRMKGQDASMLDA
SAVEHEVDQVLDAVDFDKNGYIEYSEFVTVAMDRKTLLSRERLERAFRMFDSDNSGKISSTELATIFGVSDVDSETWKSV
LSEVDKNNDGEVDFDEFQQMLLKLCGN
;
_entity_poly.pdbx_strand_id   A
#
loop_
_chem_comp.id
_chem_comp.type
_chem_comp.name
_chem_comp.formula
B43 non-polymer 4-Amino-5-(4-phenoxyphenyl)-7H-pyrrolo[2,3-d]pyrimidin-7-yl-cyclopentane 'C23 H22 N4 O'
#
# COMPACT_ATOMS: atom_id res chain seq x y z
N ALA A 45 -25.97 7.78 -13.02
CA ALA A 45 -24.89 7.48 -13.95
C ALA A 45 -24.15 6.20 -13.57
N ILE A 46 -23.74 5.43 -14.56
CA ILE A 46 -23.00 4.18 -14.31
C ILE A 46 -21.51 4.30 -14.65
N PHE A 47 -20.67 3.76 -13.79
CA PHE A 47 -19.23 3.86 -13.95
C PHE A 47 -18.74 3.15 -15.22
N SER A 48 -19.31 1.97 -15.45
CA SER A 48 -18.92 1.14 -16.59
C SER A 48 -19.52 1.62 -17.91
N ASP A 49 -20.50 2.53 -17.82
CA ASP A 49 -21.03 3.19 -19.01
C ASP A 49 -20.01 4.17 -19.56
N ARG A 50 -19.11 4.62 -18.71
CA ARG A 50 -18.16 5.66 -19.09
C ARG A 50 -16.74 5.11 -19.16
N TYR A 51 -16.41 4.18 -18.27
CA TYR A 51 -15.05 3.70 -18.15
C TYR A 51 -14.94 2.19 -18.38
N LYS A 52 -13.80 1.74 -18.89
CA LYS A 52 -13.50 0.31 -18.98
C LYS A 52 -12.18 0.00 -18.26
N GLY A 53 -12.12 -1.15 -17.60
CA GLY A 53 -10.89 -1.53 -16.92
C GLY A 53 -9.80 -1.96 -17.89
N GLN A 54 -8.57 -1.52 -17.61
CA GLN A 54 -7.41 -1.94 -18.39
C GLN A 54 -6.49 -2.87 -17.62
N ARG A 55 -5.79 -2.30 -16.64
CA ARG A 55 -4.89 -3.06 -15.78
C ARG A 55 -5.27 -2.86 -14.31
N VAL A 56 -4.92 -3.83 -13.49
CA VAL A 56 -4.96 -3.68 -12.05
C VAL A 56 -3.65 -3.07 -11.55
N LEU A 57 -3.76 -1.95 -10.85
CA LEU A 57 -2.59 -1.22 -10.37
C LEU A 57 -2.07 -1.70 -9.02
N GLY A 58 -2.96 -2.25 -8.21
CA GLY A 58 -2.55 -2.83 -6.93
C GLY A 58 -3.56 -2.60 -5.83
N LYS A 59 -3.23 -3.11 -4.65
CA LYS A 59 -4.04 -2.87 -3.46
C LYS A 59 -3.63 -1.54 -2.84
N GLY A 60 -4.60 -0.67 -2.59
CA GLY A 60 -4.35 0.53 -1.81
C GLY A 60 -5.26 0.61 -0.61
N SER A 61 -5.12 1.68 0.16
CA SER A 61 -5.98 1.90 1.31
C SER A 61 -7.45 1.91 0.97
N PHE A 62 -8.24 1.22 1.78
CA PHE A 62 -9.69 1.15 1.62
C PHE A 62 -10.20 0.44 0.36
N GLY A 63 -9.30 0.06 -0.55
CA GLY A 63 -9.72 -0.63 -1.76
C GLY A 63 -8.64 -0.87 -2.78
N GLU A 64 -9.00 -1.60 -3.83
CA GLU A 64 -8.11 -1.92 -4.94
C GLU A 64 -8.17 -0.79 -5.96
N VAL A 65 -7.05 -0.53 -6.64
CA VAL A 65 -7.00 0.54 -7.63
C VAL A 65 -6.83 -0.01 -9.04
N ILE A 66 -7.72 0.40 -9.94
CA ILE A 66 -7.69 -0.04 -11.33
C ILE A 66 -7.36 1.09 -12.29
N LEU A 67 -6.42 0.84 -13.21
CA LEU A 67 -6.25 1.72 -14.35
C LEU A 67 -7.41 1.49 -15.32
N CYS A 68 -8.19 2.53 -15.55
CA CYS A 68 -9.35 2.47 -16.42
C CYS A 68 -9.22 3.50 -17.53
N LYS A 69 -10.05 3.37 -18.56
CA LYS A 69 -9.94 4.22 -19.72
C LYS A 69 -11.32 4.67 -20.15
N ASP A 70 -11.46 5.96 -20.43
CA ASP A 70 -12.71 6.52 -20.91
C ASP A 70 -13.03 5.93 -22.26
N LYS A 71 -14.29 5.53 -22.43
CA LYS A 71 -14.74 4.85 -23.64
C LYS A 71 -14.85 5.81 -24.81
N ILE A 72 -14.98 7.09 -24.52
CA ILE A 72 -15.02 8.11 -25.56
C ILE A 72 -13.66 8.75 -25.86
N THR A 73 -13.03 9.32 -24.84
CA THR A 73 -11.84 10.16 -25.08
C THR A 73 -10.53 9.38 -25.08
N GLY A 74 -10.55 8.15 -24.58
CA GLY A 74 -9.34 7.38 -24.45
C GLY A 74 -8.47 7.89 -23.31
N GLN A 75 -9.05 8.76 -22.48
CA GLN A 75 -8.34 9.31 -21.33
C GLN A 75 -8.08 8.22 -20.30
N GLU A 76 -6.81 7.97 -20.00
CA GLU A 76 -6.43 7.02 -18.97
C GLU A 76 -6.67 7.62 -17.58
N CYS A 77 -7.17 6.81 -16.65
CA CYS A 77 -7.45 7.27 -15.30
CA CYS A 77 -7.46 7.27 -15.31
C CYS A 77 -7.17 6.17 -14.29
N ALA A 78 -6.86 6.57 -13.06
CA ALA A 78 -6.73 5.64 -11.95
C ALA A 78 -7.96 5.67 -11.04
N VAL A 79 -8.54 4.50 -10.79
CA VAL A 79 -9.79 4.41 -10.04
C VAL A 79 -9.67 3.59 -8.75
N LYS A 80 -10.01 4.18 -7.61
CA LYS A 80 -10.10 3.39 -6.38
C LYS A 80 -11.51 2.87 -6.20
N VAL A 81 -11.63 1.55 -6.06
CA VAL A 81 -12.92 0.91 -5.91
C VAL A 81 -13.05 0.43 -4.47
N ILE A 82 -14.01 0.99 -3.76
CA ILE A 82 -14.22 0.67 -2.36
C ILE A 82 -15.47 -0.18 -2.13
N SER A 83 -15.26 -1.39 -1.62
CA SER A 83 -16.34 -2.32 -1.34
C SER A 83 -17.08 -1.92 -0.06
N LYS A 84 -18.36 -1.62 -0.20
CA LYS A 84 -19.19 -1.22 0.94
C LYS A 84 -19.30 -2.36 1.96
N ARG A 85 -19.05 -3.57 1.51
CA ARG A 85 -19.00 -4.74 2.40
C ARG A 85 -17.77 -4.68 3.31
N GLN A 86 -16.61 -4.47 2.70
CA GLN A 86 -15.35 -4.54 3.43
C GLN A 86 -15.05 -3.31 4.28
N VAL A 87 -15.81 -2.23 4.08
CA VAL A 87 -15.50 -0.94 4.69
C VAL A 87 -16.74 -0.27 5.26
N LYS A 88 -16.68 0.07 6.54
CA LYS A 88 -17.76 0.79 7.21
C LYS A 88 -17.59 2.30 7.07
N GLN A 89 -18.68 2.99 6.72
CA GLN A 89 -18.68 4.45 6.70
C GLN A 89 -18.69 5.02 8.11
N LYS A 90 -18.00 6.16 8.29
CA LYS A 90 -17.98 6.86 9.57
C LYS A 90 -18.92 8.06 9.57
N THR A 91 -19.22 8.55 8.37
CA THR A 91 -20.05 9.73 8.18
C THR A 91 -21.30 9.43 7.36
N ASP A 92 -22.22 10.40 7.33
CA ASP A 92 -23.41 10.28 6.50
C ASP A 92 -23.08 10.53 5.04
N LYS A 93 -23.97 10.13 4.15
CA LYS A 93 -23.79 10.34 2.72
C LYS A 93 -23.50 11.80 2.37
N GLU A 94 -24.29 12.70 2.94
CA GLU A 94 -24.15 14.12 2.64
C GLU A 94 -22.74 14.68 2.88
N SER A 95 -22.12 14.28 3.99
CA SER A 95 -20.79 14.78 4.32
C SER A 95 -19.74 14.25 3.36
N LEU A 96 -19.90 12.99 2.95
CA LEU A 96 -18.98 12.37 2.00
C LEU A 96 -19.09 13.00 0.62
N LEU A 97 -20.31 13.12 0.12
CA LEU A 97 -20.56 13.76 -1.17
C LEU A 97 -19.98 15.17 -1.26
N ARG A 98 -20.11 15.93 -0.18
N ARG A 98 -20.12 15.93 -0.18
CA ARG A 98 -19.62 17.30 -0.15
CA ARG A 98 -19.63 17.30 -0.10
C ARG A 98 -18.09 17.35 -0.18
C ARG A 98 -18.11 17.36 -0.14
N GLU A 99 -17.46 16.42 0.53
CA GLU A 99 -16.00 16.34 0.52
C GLU A 99 -15.55 16.02 -0.90
N VAL A 100 -16.25 15.08 -1.52
CA VAL A 100 -15.95 14.69 -2.89
C VAL A 100 -16.04 15.92 -3.79
N GLN A 101 -17.14 16.66 -3.63
CA GLN A 101 -17.40 17.86 -4.40
C GLN A 101 -16.31 18.93 -4.26
N LEU A 102 -15.82 19.10 -3.04
CA LEU A 102 -14.75 20.05 -2.76
C LEU A 102 -13.47 19.57 -3.41
N LEU A 103 -13.16 18.29 -3.19
CA LEU A 103 -11.97 17.66 -3.76
C LEU A 103 -11.88 17.85 -5.27
N LYS A 104 -13.01 17.70 -5.95
CA LYS A 104 -13.07 17.92 -7.41
C LYS A 104 -12.66 19.34 -7.79
N GLN A 105 -12.86 20.29 -6.88
CA GLN A 105 -12.53 21.68 -7.17
C GLN A 105 -11.10 22.06 -6.80
N LEU A 106 -10.46 21.24 -5.98
CA LEU A 106 -9.12 21.57 -5.51
C LEU A 106 -8.03 21.24 -6.52
N ASP A 107 -6.96 22.03 -6.50
CA ASP A 107 -5.86 21.89 -7.47
C ASP A 107 -4.53 22.26 -6.82
N HIS A 108 -3.59 21.33 -6.84
CA HIS A 108 -2.25 21.60 -6.35
C HIS A 108 -1.30 20.61 -7.03
N PRO A 109 -0.11 21.07 -7.46
CA PRO A 109 0.84 20.22 -8.21
C PRO A 109 1.39 19.02 -7.45
N ASN A 110 1.18 19.01 -6.15
CA ASN A 110 1.69 17.94 -5.30
C ASN A 110 0.55 17.12 -4.69
N ILE A 111 -0.64 17.27 -5.27
CA ILE A 111 -1.82 16.59 -4.78
C ILE A 111 -2.51 15.91 -5.94
N MET A 112 -2.82 14.64 -5.78
CA MET A 112 -3.55 13.92 -6.81
C MET A 112 -4.87 14.61 -7.17
N LYS A 113 -5.12 14.76 -8.46
CA LYS A 113 -6.33 15.40 -8.93
C LYS A 113 -7.47 14.39 -8.97
N LEU A 114 -8.57 14.70 -8.31
CA LEU A 114 -9.77 13.85 -8.34
C LEU A 114 -10.74 14.39 -9.40
N TYR A 115 -11.18 13.51 -10.30
CA TYR A 115 -12.09 13.90 -11.37
C TYR A 115 -13.57 13.61 -11.05
N GLU A 116 -13.85 12.39 -10.60
CA GLU A 116 -15.22 11.89 -10.53
C GLU A 116 -15.48 11.00 -9.33
N PHE A 117 -16.76 10.86 -9.00
CA PHE A 117 -17.21 9.98 -7.93
C PHE A 117 -18.45 9.24 -8.40
N PHE A 118 -18.48 7.94 -8.13
CA PHE A 118 -19.65 7.12 -8.43
C PHE A 118 -20.01 6.26 -7.24
N GLU A 119 -21.28 5.87 -7.17
CA GLU A 119 -21.75 4.97 -6.14
C GLU A 119 -22.80 4.03 -6.72
N ASP A 120 -22.64 2.74 -6.47
CA ASP A 120 -23.70 1.77 -6.77
C ASP A 120 -24.11 1.01 -5.51
N LYS A 121 -24.81 -0.11 -5.68
CA LYS A 121 -25.23 -0.91 -4.56
C LYS A 121 -24.09 -1.20 -3.60
N GLY A 122 -23.02 -1.79 -4.13
CA GLY A 122 -21.95 -2.33 -3.29
C GLY A 122 -20.63 -1.59 -3.31
N TYR A 123 -20.51 -0.56 -4.15
CA TYR A 123 -19.21 0.08 -4.36
C TYR A 123 -19.24 1.60 -4.50
N PHE A 124 -18.14 2.23 -4.10
CA PHE A 124 -17.82 3.60 -4.46
C PHE A 124 -16.66 3.57 -5.46
N TYR A 125 -16.72 4.45 -6.45
CA TYR A 125 -15.64 4.52 -7.44
C TYR A 125 -15.10 5.94 -7.43
N LEU A 126 -13.83 6.09 -7.04
CA LEU A 126 -13.19 7.39 -7.04
C LEU A 126 -12.17 7.49 -8.17
N VAL A 127 -12.48 8.33 -9.14
CA VAL A 127 -11.70 8.42 -10.38
C VAL A 127 -10.84 9.66 -10.43
N GLY A 128 -9.53 9.47 -10.58
CA GLY A 128 -8.62 10.60 -10.64
C GLY A 128 -7.44 10.34 -11.56
N GLU A 129 -6.50 11.28 -11.59
CA GLU A 129 -5.37 11.20 -12.51
C GLU A 129 -4.39 10.07 -12.18
N VAL A 130 -3.92 9.41 -13.22
CA VAL A 130 -2.93 8.35 -13.04
CA VAL A 130 -2.91 8.33 -13.15
C VAL A 130 -1.51 8.91 -13.05
N TYR A 131 -0.71 8.43 -12.10
CA TYR A 131 0.71 8.79 -12.04
C TYR A 131 1.56 7.53 -12.24
N THR A 132 2.64 7.71 -12.99
CA THR A 132 3.41 6.59 -13.56
C THR A 132 4.82 6.39 -13.03
N GLY A 133 5.26 7.24 -12.12
CA GLY A 133 6.63 7.18 -11.63
C GLY A 133 6.75 6.25 -10.44
N GLY A 134 5.63 5.64 -10.06
CA GLY A 134 5.61 4.69 -8.96
C GLY A 134 5.86 5.33 -7.61
N GLU A 135 6.08 4.49 -6.59
CA GLU A 135 6.26 4.99 -5.25
C GLU A 135 7.65 5.57 -5.07
N LEU A 136 7.70 6.70 -4.36
CA LEU A 136 8.94 7.43 -4.09
C LEU A 136 10.11 6.56 -3.64
N PHE A 137 9.87 5.70 -2.66
CA PHE A 137 10.96 4.94 -2.04
C PHE A 137 11.64 3.95 -2.98
N ASP A 138 10.86 3.36 -3.88
CA ASP A 138 11.42 2.49 -4.90
C ASP A 138 12.40 3.22 -5.82
N GLU A 139 12.06 4.45 -6.19
CA GLU A 139 12.98 5.31 -6.95
C GLU A 139 14.21 5.68 -6.13
N ILE A 140 14.02 5.93 -4.85
CA ILE A 140 15.10 6.37 -3.98
C ILE A 140 16.16 5.29 -3.76
N ILE A 141 15.71 4.05 -3.60
CA ILE A 141 16.61 2.93 -3.37
C ILE A 141 17.48 2.62 -4.59
N SER A 142 17.02 3.06 -5.75
CA SER A 142 17.79 2.93 -6.98
C SER A 142 18.46 4.23 -7.37
N ARG A 143 19.28 4.76 -6.48
CA ARG A 143 20.02 5.99 -6.76
C ARG A 143 21.48 5.82 -6.37
N LYS A 144 22.35 6.52 -7.10
CA LYS A 144 23.77 6.52 -6.79
C LYS A 144 23.99 7.28 -5.50
N ARG A 145 23.55 8.52 -5.48
CA ARG A 145 23.66 9.35 -4.30
C ARG A 145 22.32 9.86 -3.81
N PHE A 146 22.25 10.12 -2.50
CA PHE A 146 21.10 10.76 -1.90
C PHE A 146 21.59 11.66 -0.77
N SER A 147 21.14 12.91 -0.78
CA SER A 147 21.63 13.89 0.18
C SER A 147 20.47 14.69 0.77
N GLU A 148 20.80 15.52 1.75
CA GLU A 148 19.85 16.39 2.41
C GLU A 148 19.14 17.31 1.41
N VAL A 149 19.79 17.57 0.28
CA VAL A 149 19.18 18.36 -0.80
C VAL A 149 18.00 17.62 -1.40
N ASP A 150 18.18 16.34 -1.67
CA ASP A 150 17.14 15.50 -2.24
C ASP A 150 15.97 15.38 -1.29
N ALA A 151 16.28 15.17 -0.01
CA ALA A 151 15.25 15.05 1.02
C ALA A 151 14.47 16.35 1.18
N ALA A 152 15.18 17.47 1.13
CA ALA A 152 14.56 18.78 1.22
C ALA A 152 13.61 19.05 0.05
N ARG A 153 14.03 18.66 -1.16
CA ARG A 153 13.20 18.82 -2.34
C ARG A 153 11.93 17.96 -2.27
N ILE A 154 12.07 16.76 -1.73
CA ILE A 154 10.93 15.88 -1.48
C ILE A 154 9.97 16.48 -0.48
N ILE A 155 10.51 16.87 0.66
CA ILE A 155 9.74 17.40 1.77
C ILE A 155 9.02 18.70 1.41
N ARG A 156 9.68 19.55 0.63
CA ARG A 156 9.06 20.78 0.16
C ARG A 156 7.74 20.48 -0.53
N GLN A 157 7.77 19.53 -1.47
CA GLN A 157 6.57 19.13 -2.21
C GLN A 157 5.47 18.60 -1.30
N VAL A 158 5.84 17.67 -0.42
CA VAL A 158 4.90 17.10 0.54
C VAL A 158 4.26 18.20 1.37
N LEU A 159 5.10 19.06 1.94
CA LEU A 159 4.63 20.13 2.78
C LEU A 159 3.74 21.12 2.05
N SER A 160 4.09 21.43 0.80
CA SER A 160 3.27 22.34 0.00
C SER A 160 1.87 21.77 -0.21
N GLY A 161 1.80 20.49 -0.56
CA GLY A 161 0.52 19.82 -0.72
C GLY A 161 -0.28 19.76 0.57
N ILE A 162 0.39 19.39 1.66
CA ILE A 162 -0.26 19.34 2.96
C ILE A 162 -0.78 20.70 3.41
N THR A 163 0.08 21.71 3.29
CA THR A 163 -0.31 23.08 3.60
C THR A 163 -1.57 23.47 2.83
N TYR A 164 -1.56 23.21 1.53
CA TYR A 164 -2.70 23.53 0.68
C TYR A 164 -3.99 22.87 1.20
N MET A 165 -3.93 21.57 1.50
CA MET A 165 -5.12 20.86 1.95
C MET A 165 -5.56 21.28 3.34
N HIS A 166 -4.59 21.63 4.19
CA HIS A 166 -4.95 22.08 5.53
C HIS A 166 -5.66 23.43 5.49
N LYS A 167 -5.23 24.28 4.56
CA LYS A 167 -5.92 25.54 4.33
C LYS A 167 -7.37 25.28 3.95
N ASN A 168 -7.62 24.15 3.30
CA ASN A 168 -8.96 23.76 2.88
C ASN A 168 -9.63 22.82 3.87
N LYS A 169 -9.05 22.70 5.06
CA LYS A 169 -9.63 21.91 6.13
C LYS A 169 -9.70 20.40 5.86
N ILE A 170 -8.72 19.86 5.14
CA ILE A 170 -8.70 18.44 4.83
C ILE A 170 -7.47 17.75 5.40
N VAL A 171 -7.68 16.68 6.17
CA VAL A 171 -6.58 15.96 6.81
C VAL A 171 -6.44 14.57 6.19
N HIS A 172 -5.19 14.15 5.96
CA HIS A 172 -4.92 12.83 5.41
C HIS A 172 -5.10 11.73 6.48
N ARG A 173 -4.40 11.88 7.61
CA ARG A 173 -4.47 10.96 8.76
C ARG A 173 -3.74 9.63 8.63
N ASP A 174 -3.61 9.14 7.40
CA ASP A 174 -2.97 7.85 7.14
C ASP A 174 -1.77 8.03 6.22
N LEU A 175 -1.08 9.16 6.38
CA LEU A 175 -0.04 9.54 5.43
C LEU A 175 1.21 8.68 5.60
N LYS A 176 1.68 8.09 4.50
CA LYS A 176 2.85 7.23 4.53
C LYS A 176 3.53 7.20 3.16
N PRO A 177 4.76 6.64 3.10
CA PRO A 177 5.52 6.62 1.84
C PRO A 177 4.71 6.10 0.66
N GLU A 178 3.92 5.04 0.86
CA GLU A 178 3.14 4.47 -0.23
C GLU A 178 2.05 5.43 -0.75
N ASN A 179 1.75 6.47 0.03
CA ASN A 179 0.80 7.49 -0.39
C ASN A 179 1.47 8.54 -1.28
N LEU A 180 2.77 8.37 -1.53
CA LEU A 180 3.54 9.33 -2.31
C LEU A 180 3.95 8.76 -3.67
N LEU A 181 3.22 9.15 -4.70
CA LEU A 181 3.50 8.73 -6.07
C LEU A 181 4.31 9.80 -6.79
N LEU A 182 5.16 9.38 -7.72
CA LEU A 182 5.85 10.32 -8.61
C LEU A 182 5.09 10.49 -9.92
N GLU A 183 5.00 11.73 -10.38
CA GLU A 183 4.18 12.08 -11.53
C GLU A 183 4.64 11.37 -12.80
N SER A 184 5.95 11.23 -12.93
CA SER A 184 6.54 10.56 -14.09
C SER A 184 7.83 9.83 -13.74
N LYS A 187 12.97 11.75 -13.51
CA LYS A 187 13.70 11.72 -12.25
C LYS A 187 13.50 13.00 -11.43
N ASP A 188 13.04 14.05 -12.10
CA ASP A 188 12.80 15.34 -11.46
C ASP A 188 11.30 15.57 -11.26
N ALA A 189 10.50 14.55 -11.55
CA ALA A 189 9.05 14.68 -11.62
C ALA A 189 8.44 14.93 -10.26
N ASN A 190 7.41 15.78 -10.22
CA ASN A 190 6.76 16.14 -8.97
C ASN A 190 6.04 14.98 -8.28
N ILE A 191 5.98 15.04 -6.96
CA ILE A 191 5.25 14.10 -6.12
C ILE A 191 3.77 14.44 -5.94
N ARG A 192 2.92 13.45 -6.16
CA ARG A 192 1.48 13.57 -5.94
C ARG A 192 1.07 12.71 -4.74
N ILE A 193 0.51 13.36 -3.72
CA ILE A 193 -0.01 12.65 -2.55
C ILE A 193 -1.40 12.08 -2.84
N ILE A 194 -1.55 10.78 -2.61
CA ILE A 194 -2.82 10.09 -2.80
C ILE A 194 -3.55 9.82 -1.48
N ASP A 195 -4.86 9.62 -1.59
CA ASP A 195 -5.73 9.19 -0.48
C ASP A 195 -6.17 10.28 0.52
N PHE A 196 -5.85 11.53 0.22
CA PHE A 196 -6.33 12.65 1.02
C PHE A 196 -7.85 12.61 1.19
N GLY A 197 -8.35 12.70 2.42
CA GLY A 197 -9.78 12.79 2.63
C GLY A 197 -10.54 11.50 2.87
N LEU A 198 -9.87 10.36 2.77
CA LEU A 198 -10.50 9.06 2.97
C LEU A 198 -10.75 8.69 4.43
N SER A 199 -9.77 8.90 5.28
CA SER A 199 -9.84 8.43 6.67
C SER A 199 -10.88 9.16 7.52
N THR A 200 -11.38 10.28 7.03
CA THR A 200 -12.46 11.00 7.70
C THR A 200 -13.82 10.31 7.52
N HIS A 201 -14.01 9.68 6.36
CA HIS A 201 -15.30 9.09 6.02
C HIS A 201 -15.37 7.56 6.13
N PHE A 202 -14.22 6.91 6.24
CA PHE A 202 -14.19 5.45 6.30
C PHE A 202 -13.33 4.91 7.44
N GLU A 203 -13.87 3.91 8.13
CA GLU A 203 -13.16 3.28 9.25
C GLU A 203 -12.00 2.47 8.71
N ALA A 204 -10.83 2.63 9.33
CA ALA A 204 -9.62 1.93 8.90
C ALA A 204 -9.80 0.42 9.04
N SER A 205 -9.41 -0.30 7.99
CA SER A 205 -9.50 -1.76 7.97
C SER A 205 -8.73 -2.39 9.11
N LYS A 206 -9.21 -3.54 9.56
CA LYS A 206 -8.57 -4.30 10.64
C LYS A 206 -7.74 -5.45 10.09
N LYS A 207 -7.86 -5.74 8.80
CA LYS A 207 -7.11 -6.83 8.19
C LYS A 207 -5.63 -6.43 8.07
N MET A 208 -4.76 -7.32 8.53
CA MET A 208 -3.32 -7.06 8.52
C MET A 208 -2.75 -6.76 7.13
N LYS A 209 -3.37 -7.32 6.09
CA LYS A 209 -2.97 -7.04 4.71
C LYS A 209 -3.01 -5.56 4.38
N ASP A 210 -3.98 -4.86 4.97
CA ASP A 210 -4.16 -3.42 4.75
C ASP A 210 -3.44 -2.57 5.79
N LYS A 211 -3.16 -3.14 6.96
CA LYS A 211 -2.54 -2.39 8.04
C LYS A 211 -1.01 -2.34 7.93
N ILE A 212 -0.45 -3.12 7.01
CA ILE A 212 1.01 -3.25 6.89
C ILE A 212 1.76 -1.91 6.82
N GLY A 213 2.63 -1.67 7.79
CA GLY A 213 3.51 -0.52 7.74
C GLY A 213 2.87 0.80 8.12
N THR A 214 1.64 0.77 8.62
CA THR A 214 0.98 1.99 9.06
C THR A 214 1.49 2.48 10.41
N ALA A 215 1.81 1.55 11.30
CA ALA A 215 2.16 1.92 12.67
C ALA A 215 3.35 2.87 12.76
N TYR A 216 4.33 2.72 11.88
CA TYR A 216 5.50 3.58 11.91
C TYR A 216 5.18 5.06 11.76
N TYR A 217 4.11 5.37 11.02
CA TYR A 217 3.92 6.72 10.52
C TYR A 217 2.79 7.47 11.23
N ILE A 218 1.96 6.74 11.96
CA ILE A 218 0.77 7.30 12.59
C ILE A 218 1.09 8.15 13.81
N ALA A 219 0.53 9.36 13.86
CA ALA A 219 0.72 10.24 14.99
C ALA A 219 0.02 9.68 16.24
N PRO A 220 0.63 9.88 17.42
CA PRO A 220 0.10 9.37 18.70
C PRO A 220 -1.33 9.81 19.00
N GLU A 221 -1.66 11.05 18.67
CA GLU A 221 -2.98 11.60 19.00
C GLU A 221 -4.09 11.02 18.13
N VAL A 222 -3.72 10.46 16.98
CA VAL A 222 -4.65 9.71 16.15
C VAL A 222 -5.12 8.42 16.84
N LEU A 223 -4.19 7.73 17.49
CA LEU A 223 -4.52 6.52 18.26
C LEU A 223 -5.57 6.77 19.34
N HIS A 224 -5.52 7.95 19.96
CA HIS A 224 -6.39 8.29 21.09
C HIS A 224 -7.70 8.97 20.67
N GLY A 225 -7.86 9.28 19.39
CA GLY A 225 -9.13 9.82 18.91
C GLY A 225 -9.16 11.32 18.78
N THR A 226 -8.33 12.02 19.55
CA THR A 226 -8.27 13.47 19.44
C THR A 226 -7.09 13.89 18.55
N TYR A 227 -7.39 14.13 17.28
CA TYR A 227 -6.37 14.55 16.31
C TYR A 227 -6.85 15.68 15.40
N ASP A 228 -5.90 16.41 14.83
CA ASP A 228 -6.22 17.46 13.88
C ASP A 228 -5.24 17.42 12.71
N GLU A 229 -5.05 18.55 12.03
CA GLU A 229 -4.19 18.58 10.85
C GLU A 229 -2.70 18.37 11.17
N LYS A 230 -2.32 18.62 12.42
CA LYS A 230 -0.94 18.42 12.85
C LYS A 230 -0.49 16.96 12.74
N CYS A 231 -1.44 16.03 12.71
CA CYS A 231 -1.09 14.62 12.59
C CYS A 231 -0.37 14.32 11.29
N ASP A 232 -0.70 15.09 10.26
CA ASP A 232 -0.02 15.01 8.97
C ASP A 232 1.42 15.50 9.07
N VAL A 233 1.67 16.44 9.96
CA VAL A 233 3.03 16.92 10.20
C VAL A 233 3.86 15.83 10.87
N TRP A 234 3.27 15.16 11.86
CA TRP A 234 3.95 14.06 12.53
C TRP A 234 4.42 12.99 11.55
N SER A 235 3.49 12.53 10.71
CA SER A 235 3.78 11.46 9.76
C SER A 235 4.90 11.89 8.82
N THR A 236 4.83 13.13 8.38
CA THR A 236 5.85 13.73 7.53
C THR A 236 7.21 13.81 8.23
N GLY A 237 7.19 14.11 9.52
CA GLY A 237 8.37 14.03 10.36
C GLY A 237 9.03 12.67 10.41
N VAL A 238 8.23 11.61 10.50
CA VAL A 238 8.75 10.25 10.51
C VAL A 238 9.44 9.88 9.20
N ILE A 239 8.82 10.24 8.08
CA ILE A 239 9.40 10.00 6.76
C ILE A 239 10.74 10.67 6.56
N LEU A 240 10.84 11.94 6.94
CA LEU A 240 12.11 12.66 6.92
C LEU A 240 13.17 11.93 7.72
N TYR A 241 12.80 11.48 8.92
CA TYR A 241 13.71 10.73 9.78
C TYR A 241 14.26 9.53 9.01
N ILE A 242 13.39 8.85 8.27
CA ILE A 242 13.80 7.65 7.52
C ILE A 242 14.68 8.01 6.33
N LEU A 243 14.31 9.07 5.63
CA LEU A 243 15.11 9.58 4.53
C LEU A 243 16.54 9.90 4.93
N LEU A 244 16.74 10.28 6.19
CA LEU A 244 18.07 10.69 6.64
C LEU A 244 18.85 9.60 7.38
N SER A 245 18.18 8.51 7.78
CA SER A 245 18.85 7.43 8.51
C SER A 245 18.56 6.03 7.94
N GLY A 246 17.50 5.92 7.14
CA GLY A 246 17.03 4.64 6.64
C GLY A 246 16.35 3.73 7.64
N CYS A 247 16.09 4.25 8.84
CA CYS A 247 15.44 3.50 9.89
C CYS A 247 14.33 4.34 10.50
N PRO A 248 13.18 3.70 10.80
CA PRO A 248 12.09 4.43 11.48
C PRO A 248 12.48 4.81 12.91
N PRO A 249 12.06 6.00 13.36
CA PRO A 249 12.42 6.45 14.71
C PRO A 249 11.75 5.59 15.76
N PHE A 250 10.53 5.13 15.46
CA PHE A 250 9.83 4.20 16.33
C PHE A 250 9.70 2.85 15.64
N ASN A 251 10.43 1.86 16.14
CA ASN A 251 10.49 0.54 15.49
C ASN A 251 10.14 -0.58 16.47
N GLY A 252 9.94 -1.79 15.93
CA GLY A 252 9.60 -2.93 16.76
C GLY A 252 9.37 -4.20 15.98
N ALA A 253 9.28 -5.31 16.71
CA ALA A 253 9.13 -6.64 16.11
C ALA A 253 7.69 -6.94 15.69
N ASN A 254 6.76 -6.06 16.09
CA ASN A 254 5.36 -6.22 15.74
C ASN A 254 4.60 -4.91 15.88
N GLU A 255 3.35 -4.91 15.41
CA GLU A 255 2.54 -3.71 15.44
C GLU A 255 2.51 -3.06 16.82
N TYR A 256 2.11 -3.82 17.84
CA TYR A 256 1.96 -3.26 19.17
C TYR A 256 3.24 -2.67 19.77
N ASP A 257 4.37 -3.31 19.53
CA ASP A 257 5.65 -2.78 20.01
C ASP A 257 5.96 -1.41 19.41
N ILE A 258 5.57 -1.23 18.15
CA ILE A 258 5.78 0.06 17.48
C ILE A 258 4.82 1.11 18.02
N LEU A 259 3.55 0.76 18.08
CA LEU A 259 2.53 1.64 18.63
C LEU A 259 2.91 2.08 20.04
N LYS A 260 3.58 1.18 20.76
CA LYS A 260 3.97 1.43 22.13
C LYS A 260 5.07 2.49 22.18
N LYS A 261 6.03 2.38 21.27
CA LYS A 261 7.06 3.40 21.11
C LYS A 261 6.46 4.74 20.67
N VAL A 262 5.47 4.68 19.78
CA VAL A 262 4.82 5.89 19.30
C VAL A 262 4.09 6.59 20.45
N GLU A 263 3.29 5.81 21.18
CA GLU A 263 2.54 6.34 22.32
C GLU A 263 3.47 6.98 23.35
N LYS A 264 4.66 6.41 23.50
CA LYS A 264 5.63 6.96 24.46
C LYS A 264 6.25 8.24 23.92
N GLY A 265 6.48 8.28 22.61
CA GLY A 265 6.88 9.50 21.95
C GLY A 265 8.38 9.74 21.90
N LYS A 266 9.16 8.80 22.42
CA LYS A 266 10.60 9.00 22.50
C LYS A 266 11.37 8.36 21.34
N TYR A 267 12.43 9.05 20.91
CA TYR A 267 13.24 8.61 19.78
C TYR A 267 14.56 9.34 19.87
N THR A 268 15.60 8.85 19.19
CA THR A 268 16.90 9.50 19.25
C THR A 268 17.55 9.69 17.88
N PHE A 269 18.56 10.55 17.86
CA PHE A 269 19.47 10.70 16.73
C PHE A 269 20.81 10.06 17.07
N GLU A 270 20.75 8.93 17.77
CA GLU A 270 21.94 8.26 18.29
C GLU A 270 22.76 7.54 17.22
N LEU A 271 22.07 6.95 16.25
CA LEU A 271 22.71 6.21 15.17
C LEU A 271 23.86 7.00 14.51
N PRO A 272 25.02 6.34 14.33
CA PRO A 272 26.23 6.97 13.79
C PRO A 272 25.98 7.87 12.57
N GLN A 273 25.08 7.41 11.70
CA GLN A 273 24.78 8.11 10.45
C GLN A 273 24.16 9.50 10.63
N TRP A 274 23.67 9.78 11.84
CA TRP A 274 23.16 11.11 12.14
C TRP A 274 24.28 12.14 12.27
N LYS A 275 25.52 11.65 12.34
CA LYS A 275 26.68 12.53 12.41
C LYS A 275 26.88 13.31 11.11
N LYS A 276 26.52 12.69 9.99
CA LYS A 276 26.68 13.32 8.69
C LYS A 276 25.47 14.18 8.29
N VAL A 277 24.62 14.49 9.27
CA VAL A 277 23.38 15.21 9.00
C VAL A 277 23.38 16.53 9.75
N SER A 278 22.95 17.60 9.06
CA SER A 278 22.97 18.94 9.65
C SER A 278 22.15 19.01 10.94
N GLU A 279 22.43 20.01 11.75
CA GLU A 279 21.71 20.23 13.00
C GLU A 279 20.32 20.78 12.77
N SER A 280 20.18 21.60 11.73
CA SER A 280 18.90 22.19 11.39
C SER A 280 17.88 21.17 10.90
N ALA A 281 18.35 20.13 10.22
CA ALA A 281 17.47 19.03 9.84
C ALA A 281 16.94 18.34 11.09
N LYS A 282 17.86 17.98 11.99
CA LYS A 282 17.51 17.33 13.25
C LYS A 282 16.59 18.21 14.10
N ASP A 283 16.81 19.52 14.00
CA ASP A 283 16.01 20.50 14.74
C ASP A 283 14.59 20.50 14.20
N LEU A 284 14.45 20.47 12.88
CA LEU A 284 13.15 20.43 12.23
C LEU A 284 12.41 19.15 12.62
N ILE A 285 13.12 18.03 12.62
CA ILE A 285 12.52 16.76 13.04
C ILE A 285 11.94 16.89 14.44
N ARG A 286 12.70 17.48 15.35
CA ARG A 286 12.26 17.69 16.72
C ARG A 286 10.97 18.51 16.78
N LYS A 287 10.91 19.57 15.98
CA LYS A 287 9.70 20.39 15.93
C LYS A 287 8.54 19.60 15.33
N MET A 288 8.85 18.73 14.36
CA MET A 288 7.82 17.95 13.69
C MET A 288 7.37 16.76 14.54
N LEU A 289 8.31 16.21 15.30
CA LEU A 289 8.02 15.07 16.17
C LEU A 289 7.76 15.53 17.60
N THR A 290 7.13 16.70 17.73
CA THR A 290 6.72 17.20 19.03
C THR A 290 5.42 16.53 19.45
N TYR A 291 5.39 16.01 20.68
CA TYR A 291 4.26 15.20 21.13
C TYR A 291 2.93 15.95 21.12
N VAL A 292 2.86 17.08 21.83
CA VAL A 292 1.63 17.86 21.88
C VAL A 292 1.41 18.67 20.60
N PRO A 293 0.30 18.40 19.89
CA PRO A 293 0.03 19.00 18.58
C PRO A 293 -0.01 20.53 18.59
N SER A 294 -0.51 21.12 19.68
CA SER A 294 -0.53 22.56 19.81
C SER A 294 0.86 23.18 19.89
N MET A 295 1.83 22.39 20.34
CA MET A 295 3.22 22.83 20.40
C MET A 295 3.99 22.42 19.15
N ARG A 296 3.35 21.59 18.33
CA ARG A 296 3.96 21.07 17.12
C ARG A 296 3.87 22.12 16.00
N ILE A 297 4.95 22.25 15.23
CA ILE A 297 4.97 23.13 14.06
C ILE A 297 3.89 22.81 13.03
N SER A 298 3.34 23.87 12.44
CA SER A 298 2.38 23.72 11.35
C SER A 298 3.09 23.35 10.04
N ALA A 299 2.32 22.84 9.08
CA ALA A 299 2.85 22.60 7.74
C ALA A 299 3.48 23.86 7.17
N ARG A 300 2.76 24.97 7.28
CA ARG A 300 3.19 26.25 6.72
C ARG A 300 4.53 26.77 7.27
N ASP A 301 4.66 26.75 8.60
CA ASP A 301 5.90 27.19 9.24
C ASP A 301 7.10 26.28 8.98
N ALA A 302 6.83 25.01 8.68
CA ALA A 302 7.90 24.08 8.30
C ALA A 302 8.52 24.45 6.96
N LEU A 303 7.69 24.95 6.06
CA LEU A 303 8.14 25.46 4.77
C LEU A 303 9.16 26.60 4.89
N ASP A 304 9.02 27.40 5.96
CA ASP A 304 9.90 28.54 6.18
C ASP A 304 11.15 28.19 6.97
N HIS A 305 11.23 26.95 7.44
CA HIS A 305 12.30 26.53 8.33
C HIS A 305 13.65 26.60 7.60
N GLU A 306 14.68 27.02 8.34
CA GLU A 306 16.06 27.14 7.85
C GLU A 306 16.51 26.04 6.89
N TRP A 307 16.19 24.81 7.25
CA TRP A 307 16.58 23.64 6.47
C TRP A 307 15.93 23.62 5.08
N ILE A 308 14.63 23.89 5.02
CA ILE A 308 13.95 23.91 3.73
C ILE A 308 14.44 25.04 2.83
N GLN A 309 14.70 26.19 3.44
CA GLN A 309 15.17 27.37 2.72
C GLN A 309 16.56 27.14 2.14
N THR A 310 17.43 26.58 2.98
CA THR A 310 18.85 26.41 2.66
C THR A 310 19.11 25.31 1.63
N TYR A 311 18.44 24.18 1.80
CA TYR A 311 18.73 22.99 1.02
C TYR A 311 17.89 22.89 -0.26
N THR A 312 16.95 23.82 -0.41
CA THR A 312 16.24 24.01 -1.67
C THR A 312 16.66 25.31 -2.36
N VAL A 320 28.28 18.82 -1.04
CA VAL A 320 27.39 18.10 -0.13
C VAL A 320 27.52 16.59 -0.33
N PRO A 321 27.84 15.85 0.74
CA PRO A 321 28.03 14.39 0.65
C PRO A 321 26.76 13.56 0.48
N SER A 322 26.96 12.31 0.10
CA SER A 322 25.88 11.35 -0.10
C SER A 322 25.67 10.42 1.10
N LEU A 323 24.44 10.36 1.61
CA LEU A 323 24.11 9.49 2.74
C LEU A 323 23.97 8.03 2.28
N ASP A 324 25.09 7.33 2.18
CA ASP A 324 25.08 5.94 1.70
C ASP A 324 24.46 4.94 2.67
N ASN A 325 24.75 5.08 3.96
CA ASN A 325 24.16 4.22 4.98
C ASN A 325 22.64 4.28 4.96
N ALA A 326 22.12 5.50 4.88
CA ALA A 326 20.68 5.71 4.86
C ALA A 326 20.03 5.00 3.67
N ILE A 327 20.65 5.09 2.50
CA ILE A 327 20.20 4.37 1.31
C ILE A 327 20.18 2.85 1.52
N LEU A 328 21.18 2.33 2.21
CA LEU A 328 21.27 0.89 2.46
C LEU A 328 20.18 0.45 3.43
N ASN A 329 19.93 1.27 4.44
CA ASN A 329 18.88 0.99 5.40
C ASN A 329 17.49 1.15 4.79
N ILE A 330 17.31 2.13 3.91
CA ILE A 330 16.01 2.31 3.25
C ILE A 330 15.70 1.13 2.35
N ARG A 331 16.72 0.66 1.64
CA ARG A 331 16.58 -0.48 0.75
C ARG A 331 16.23 -1.76 1.51
N GLN A 332 16.88 -1.96 2.65
CA GLN A 332 16.54 -3.07 3.55
C GLN A 332 15.13 -2.91 4.11
N PHE A 333 14.86 -1.74 4.66
CA PHE A 333 13.54 -1.42 5.19
C PHE A 333 12.44 -1.70 4.16
N GLN A 334 12.62 -1.13 2.97
CA GLN A 334 11.63 -1.22 1.90
C GLN A 334 11.40 -2.66 1.46
N GLY A 335 12.48 -3.40 1.27
CA GLY A 335 12.38 -4.79 0.88
C GLY A 335 11.62 -5.60 1.90
N THR A 336 11.95 -5.42 3.17
CA THR A 336 11.23 -6.06 4.27
C THR A 336 9.72 -5.78 4.24
N GLN A 337 9.34 -4.51 4.13
CA GLN A 337 7.93 -4.13 4.10
C GLN A 337 7.21 -4.71 2.89
N LYS A 338 7.90 -4.73 1.75
CA LYS A 338 7.31 -5.21 0.52
C LYS A 338 7.19 -6.72 0.49
N LEU A 339 8.17 -7.40 1.09
CA LEU A 339 8.11 -8.85 1.22
C LEU A 339 7.03 -9.34 2.18
N ALA A 340 7.02 -8.79 3.39
CA ALA A 340 5.93 -8.99 4.33
C ALA A 340 4.54 -8.76 3.71
N GLN A 341 4.44 -7.69 2.94
CA GLN A 341 3.18 -7.34 2.29
C GLN A 341 2.80 -8.34 1.21
N ALA A 342 3.75 -8.63 0.32
CA ALA A 342 3.55 -9.65 -0.71
C ALA A 342 3.17 -11.01 -0.11
N ALA A 343 3.84 -11.36 0.98
CA ALA A 343 3.57 -12.61 1.69
C ALA A 343 2.12 -12.72 2.19
N LEU A 344 1.64 -11.64 2.80
CA LEU A 344 0.29 -11.59 3.32
C LEU A 344 -0.71 -11.61 2.16
N LEU A 345 -0.36 -10.91 1.09
CA LEU A 345 -1.19 -10.87 -0.11
C LEU A 345 -1.24 -12.24 -0.78
N TYR A 346 -0.11 -12.94 -0.78
CA TYR A 346 -0.06 -14.29 -1.34
C TYR A 346 -0.98 -15.26 -0.60
N MET A 347 -0.94 -15.23 0.73
CA MET A 347 -1.84 -16.05 1.53
C MET A 347 -3.29 -15.69 1.28
N GLY A 348 -3.59 -14.39 1.22
CA GLY A 348 -4.94 -13.93 0.98
C GLY A 348 -5.46 -14.37 -0.38
N SER A 349 -4.65 -14.19 -1.42
CA SER A 349 -5.06 -14.58 -2.76
C SER A 349 -5.28 -16.09 -2.84
N LYS A 350 -4.40 -16.84 -2.17
CA LYS A 350 -4.54 -18.29 -2.10
C LYS A 350 -5.86 -18.74 -1.48
N LEU A 351 -6.24 -18.14 -0.35
CA LEU A 351 -7.51 -18.46 0.31
C LEU A 351 -8.71 -18.05 -0.54
N THR A 352 -8.65 -16.83 -1.06
CA THR A 352 -9.70 -16.30 -1.93
C THR A 352 -9.86 -17.26 -3.09
N SER A 353 -8.73 -17.70 -3.63
CA SER A 353 -8.72 -18.67 -4.71
C SER A 353 -9.38 -19.98 -4.28
N GLN A 354 -8.99 -20.51 -3.13
CA GLN A 354 -9.58 -21.74 -2.61
C GLN A 354 -11.10 -21.62 -2.47
N ASP A 355 -11.53 -20.52 -1.88
CA ASP A 355 -12.95 -20.19 -1.74
C ASP A 355 -13.64 -20.17 -3.09
N GLU A 356 -13.09 -19.42 -4.03
CA GLU A 356 -13.70 -19.25 -5.34
C GLU A 356 -13.61 -20.53 -6.16
N THR A 357 -12.53 -21.28 -5.97
CA THR A 357 -12.37 -22.57 -6.65
C THR A 357 -13.51 -23.53 -6.32
N LYS A 358 -13.82 -23.65 -5.03
CA LYS A 358 -14.88 -24.52 -4.58
C LYS A 358 -16.24 -24.02 -5.05
N GLU A 359 -16.43 -22.71 -4.95
CA GLU A 359 -17.68 -22.07 -5.35
C GLU A 359 -17.94 -22.20 -6.85
N LEU A 360 -16.88 -22.04 -7.63
CA LEU A 360 -16.96 -22.14 -9.08
C LEU A 360 -17.20 -23.59 -9.54
N THR A 361 -16.60 -24.54 -8.83
CA THR A 361 -16.83 -25.96 -9.09
C THR A 361 -18.28 -26.38 -8.84
N ALA A 362 -18.88 -25.87 -7.78
CA ALA A 362 -20.26 -26.19 -7.45
C ALA A 362 -21.24 -25.58 -8.44
N ILE A 363 -20.82 -24.48 -9.06
CA ILE A 363 -21.59 -23.83 -10.11
C ILE A 363 -21.46 -24.59 -11.43
N PHE A 364 -20.24 -24.95 -11.78
CA PHE A 364 -19.96 -25.72 -12.99
C PHE A 364 -20.56 -27.13 -12.92
N HIS A 365 -20.69 -27.64 -11.71
CA HIS A 365 -21.33 -28.93 -11.46
C HIS A 365 -22.83 -28.84 -11.71
N LYS A 366 -23.46 -27.80 -11.17
CA LYS A 366 -24.87 -27.55 -11.39
C LYS A 366 -25.19 -27.27 -12.86
N MET A 367 -24.26 -26.64 -13.57
CA MET A 367 -24.45 -26.34 -14.98
C MET A 367 -24.31 -27.57 -15.88
N ASP A 368 -23.55 -28.56 -15.42
CA ASP A 368 -23.36 -29.80 -16.17
C ASP A 368 -24.63 -30.65 -16.18
N LYS A 369 -25.67 -30.16 -16.84
CA LYS A 369 -26.95 -30.85 -16.86
C LYS A 369 -26.99 -32.02 -17.85
N ASN A 370 -25.81 -32.48 -18.25
CA ASN A 370 -25.68 -33.71 -19.05
C ASN A 370 -24.76 -34.71 -18.35
N GLY A 371 -24.12 -34.28 -17.28
CA GLY A 371 -23.32 -35.14 -16.42
C GLY A 371 -22.24 -35.91 -17.14
N ASP A 372 -21.23 -35.18 -17.60
CA ASP A 372 -20.10 -35.77 -18.32
C ASP A 372 -18.76 -35.13 -17.92
N GLY A 373 -18.83 -34.00 -17.23
CA GLY A 373 -17.65 -33.28 -16.80
C GLY A 373 -17.11 -32.32 -17.84
N GLN A 374 -17.78 -32.24 -19.00
CA GLN A 374 -17.34 -31.34 -20.06
C GLN A 374 -18.36 -30.22 -20.26
N LEU A 375 -17.88 -29.01 -20.58
CA LEU A 375 -18.78 -27.90 -20.91
C LEU A 375 -18.29 -26.98 -22.02
N ASP A 376 -19.24 -26.29 -22.66
CA ASP A 376 -18.95 -25.33 -23.71
C ASP A 376 -18.69 -23.91 -23.19
N ARG A 377 -18.17 -23.06 -24.07
CA ARG A 377 -17.83 -21.67 -23.77
C ARG A 377 -18.95 -20.84 -23.14
N ALA A 378 -20.16 -20.92 -23.69
CA ALA A 378 -21.29 -20.12 -23.21
C ALA A 378 -21.67 -20.49 -21.78
N GLU A 379 -21.51 -21.76 -21.44
CA GLU A 379 -21.79 -22.23 -20.09
C GLU A 379 -20.79 -21.62 -19.12
N LEU A 380 -19.51 -21.69 -19.47
CA LEU A 380 -18.45 -21.10 -18.68
C LEU A 380 -18.69 -19.61 -18.38
N ILE A 381 -19.07 -18.87 -19.41
CA ILE A 381 -19.38 -17.45 -19.26
C ILE A 381 -20.50 -17.20 -18.26
N GLU A 382 -21.63 -17.90 -18.46
CA GLU A 382 -22.77 -17.81 -17.54
C GLU A 382 -22.41 -18.20 -16.11
N GLY A 383 -21.56 -19.21 -15.96
CA GLY A 383 -21.08 -19.62 -14.66
C GLY A 383 -20.17 -18.58 -14.00
N TYR A 384 -19.21 -18.06 -14.75
CA TYR A 384 -18.30 -17.06 -14.21
C TYR A 384 -19.06 -15.80 -13.80
N LYS A 385 -20.04 -15.42 -14.63
CA LYS A 385 -20.95 -14.31 -14.31
C LYS A 385 -21.74 -14.60 -13.03
N GLU A 386 -22.08 -15.86 -12.83
CA GLU A 386 -22.81 -16.31 -11.65
C GLU A 386 -21.97 -16.19 -10.38
N LEU A 387 -20.69 -16.52 -10.49
CA LEU A 387 -19.77 -16.41 -9.37
C LEU A 387 -19.77 -14.99 -8.80
N MET A 388 -19.73 -13.99 -9.68
CA MET A 388 -19.72 -12.60 -9.26
C MET A 388 -21.09 -12.13 -8.77
N ARG A 389 -22.14 -12.72 -9.32
CA ARG A 389 -23.51 -12.44 -8.88
C ARG A 389 -23.85 -13.08 -7.54
N ALA A 400 -19.53 -7.06 -17.74
CA ALA A 400 -19.86 -8.27 -18.46
C ALA A 400 -18.90 -8.51 -19.62
N SER A 401 -18.41 -7.43 -20.21
CA SER A 401 -17.40 -7.51 -21.25
C SER A 401 -16.08 -8.01 -20.66
N ALA A 402 -15.79 -7.60 -19.43
CA ALA A 402 -14.57 -8.01 -18.75
C ALA A 402 -14.57 -9.50 -18.46
N VAL A 403 -15.74 -10.06 -18.16
CA VAL A 403 -15.84 -11.48 -17.89
C VAL A 403 -15.65 -12.29 -19.17
N GLU A 404 -16.33 -11.89 -20.24
CA GLU A 404 -16.19 -12.54 -21.54
C GLU A 404 -14.74 -12.56 -22.03
N HIS A 405 -14.06 -11.42 -21.90
CA HIS A 405 -12.66 -11.33 -22.27
C HIS A 405 -11.78 -12.25 -21.43
N GLU A 406 -11.99 -12.24 -20.12
CA GLU A 406 -11.21 -13.09 -19.22
C GLU A 406 -11.41 -14.55 -19.58
N VAL A 407 -12.67 -14.94 -19.77
CA VAL A 407 -13.00 -16.28 -20.22
C VAL A 407 -12.26 -16.70 -21.49
N ASP A 408 -12.23 -15.81 -22.47
CA ASP A 408 -11.54 -16.10 -23.73
C ASP A 408 -10.03 -16.24 -23.56
N GLN A 409 -9.46 -15.51 -22.61
CA GLN A 409 -8.04 -15.64 -22.30
C GLN A 409 -7.69 -16.97 -21.66
N VAL A 410 -8.53 -17.42 -20.74
CA VAL A 410 -8.35 -18.72 -20.09
C VAL A 410 -8.51 -19.82 -21.13
N LEU A 411 -9.57 -19.71 -21.92
CA LEU A 411 -9.88 -20.71 -22.94
C LEU A 411 -8.78 -20.80 -23.99
N ASP A 412 -8.10 -19.69 -24.24
CA ASP A 412 -6.95 -19.67 -25.12
C ASP A 412 -5.79 -20.49 -24.54
N ALA A 413 -5.67 -20.48 -23.23
CA ALA A 413 -4.66 -21.26 -22.53
C ALA A 413 -5.08 -22.73 -22.38
N GLU A 423 -13.23 -30.19 -20.08
CA GLU A 423 -13.12 -30.64 -18.69
C GLU A 423 -12.91 -29.44 -17.75
N TYR A 424 -13.96 -29.11 -17.02
CA TYR A 424 -14.00 -27.90 -16.19
C TYR A 424 -12.99 -27.87 -15.04
N SER A 425 -12.59 -29.04 -14.55
CA SER A 425 -11.57 -29.11 -13.51
C SER A 425 -10.23 -28.51 -13.96
N GLU A 426 -9.90 -28.68 -15.23
CA GLU A 426 -8.69 -28.08 -15.78
C GLU A 426 -8.82 -26.56 -15.90
N PHE A 427 -10.01 -26.11 -16.26
CA PHE A 427 -10.33 -24.69 -16.35
C PHE A 427 -10.21 -23.94 -15.02
N VAL A 428 -10.83 -24.49 -13.99
CA VAL A 428 -10.74 -23.93 -12.64
C VAL A 428 -9.29 -23.73 -12.24
N THR A 429 -8.48 -24.77 -12.44
CA THR A 429 -7.06 -24.75 -12.09
C THR A 429 -6.29 -23.58 -12.69
N VAL A 430 -6.36 -23.44 -14.02
CA VAL A 430 -5.64 -22.38 -14.72
C VAL A 430 -6.17 -20.99 -14.39
N ALA A 431 -7.49 -20.88 -14.32
CA ALA A 431 -8.15 -19.60 -14.04
C ALA A 431 -7.66 -19.01 -12.72
N MET A 432 -7.70 -19.82 -11.67
CA MET A 432 -7.24 -19.40 -10.36
C MET A 432 -5.74 -19.17 -10.30
N ASP A 433 -4.97 -20.00 -10.99
CA ASP A 433 -3.54 -19.79 -11.09
C ASP A 433 -3.28 -18.39 -11.65
N ARG A 434 -4.18 -17.94 -12.52
CA ARG A 434 -4.07 -16.63 -13.15
C ARG A 434 -4.32 -15.49 -12.16
N LYS A 435 -4.62 -15.85 -10.93
CA LYS A 435 -4.60 -14.90 -9.83
C LYS A 435 -3.47 -15.28 -8.87
N THR A 436 -3.25 -16.58 -8.76
CA THR A 436 -2.16 -17.15 -7.95
C THR A 436 -0.79 -16.70 -8.44
N LEU A 437 -0.70 -16.06 -9.60
CA LEU A 437 0.59 -15.66 -10.17
C LEU A 437 0.80 -14.14 -10.22
N LEU A 438 -0.25 -13.38 -9.97
CA LEU A 438 -0.09 -11.94 -9.80
C LEU A 438 0.66 -11.80 -8.49
N SER A 439 0.21 -12.52 -7.48
CA SER A 439 0.89 -12.52 -6.19
C SER A 439 2.07 -13.51 -6.11
N ARG A 440 2.10 -14.55 -6.95
CA ARG A 440 3.25 -15.47 -6.91
C ARG A 440 4.50 -14.80 -7.48
N GLU A 441 4.33 -14.02 -8.54
CA GLU A 441 5.48 -13.33 -9.10
C GLU A 441 5.90 -12.11 -8.29
N ARG A 442 4.92 -11.42 -7.71
CA ARG A 442 5.22 -10.36 -6.73
C ARG A 442 6.00 -10.92 -5.54
N LEU A 443 5.65 -12.14 -5.13
CA LEU A 443 6.33 -12.81 -4.03
C LEU A 443 7.76 -13.21 -4.39
N GLU A 444 7.92 -13.96 -5.47
CA GLU A 444 9.24 -14.35 -5.94
C GLU A 444 10.14 -13.12 -6.12
N ARG A 445 9.61 -12.09 -6.76
CA ARG A 445 10.35 -10.85 -6.99
C ARG A 445 10.76 -10.14 -5.70
N ALA A 446 9.81 -9.99 -4.78
CA ALA A 446 10.12 -9.39 -3.48
C ALA A 446 11.12 -10.21 -2.68
N PHE A 447 11.03 -11.53 -2.79
CA PHE A 447 12.02 -12.42 -2.19
C PHE A 447 13.42 -12.21 -2.76
N ARG A 448 13.52 -12.15 -4.09
CA ARG A 448 14.82 -11.94 -4.74
C ARG A 448 15.39 -10.55 -4.44
N MET A 449 14.49 -9.57 -4.36
CA MET A 449 14.85 -8.21 -3.99
C MET A 449 15.42 -8.19 -2.58
N PHE A 450 14.73 -8.84 -1.66
CA PHE A 450 15.15 -8.92 -0.26
C PHE A 450 16.51 -9.62 -0.11
N ASP A 451 16.71 -10.68 -0.88
CA ASP A 451 17.94 -11.45 -0.79
C ASP A 451 19.03 -10.73 -1.58
N SER A 452 19.46 -9.58 -1.06
CA SER A 452 20.39 -8.70 -1.77
C SER A 452 21.75 -9.32 -2.00
N ASP A 453 22.11 -10.31 -1.19
CA ASP A 453 23.38 -11.02 -1.38
C ASP A 453 23.26 -12.12 -2.44
N ASN A 454 22.06 -12.29 -2.96
CA ASN A 454 21.75 -13.38 -3.89
C ASN A 454 22.16 -14.76 -3.34
N SER A 455 22.00 -14.94 -2.04
CA SER A 455 22.41 -16.19 -1.40
C SER A 455 21.35 -17.27 -1.63
N GLY A 456 20.14 -16.83 -1.96
CA GLY A 456 19.03 -17.75 -2.20
C GLY A 456 18.29 -18.12 -0.93
N LYS A 457 18.79 -17.64 0.21
CA LYS A 457 18.27 -18.04 1.51
C LYS A 457 17.91 -16.84 2.39
N ILE A 458 17.11 -17.11 3.41
N ILE A 458 17.12 -17.08 3.42
CA ILE A 458 16.75 -16.15 4.44
CA ILE A 458 16.81 -16.04 4.42
C ILE A 458 17.16 -16.73 5.79
C ILE A 458 16.99 -16.62 5.83
N SER A 459 17.70 -15.88 6.66
CA SER A 459 18.04 -16.30 8.01
C SER A 459 16.87 -16.27 8.98
N SER A 460 17.04 -16.93 10.12
CA SER A 460 16.05 -16.93 11.18
C SER A 460 15.81 -15.53 11.74
N THR A 461 16.87 -14.73 11.82
CA THR A 461 16.71 -13.33 12.20
C THR A 461 15.79 -12.61 11.21
N GLU A 462 16.09 -12.76 9.93
CA GLU A 462 15.25 -12.16 8.90
C GLU A 462 13.80 -12.65 8.92
N LEU A 463 13.64 -13.96 9.08
CA LEU A 463 12.30 -14.54 9.24
C LEU A 463 11.53 -13.93 10.40
N ALA A 464 12.19 -13.79 11.54
CA ALA A 464 11.57 -13.18 12.71
C ALA A 464 11.03 -11.80 12.40
N THR A 465 11.85 -11.00 11.73
CA THR A 465 11.44 -9.66 11.30
C THR A 465 10.27 -9.64 10.33
N ILE A 466 10.30 -10.54 9.34
CA ILE A 466 9.22 -10.61 8.35
C ILE A 466 7.90 -11.05 8.96
N PHE A 467 7.94 -12.13 9.73
CA PHE A 467 6.73 -12.63 10.38
C PHE A 467 6.24 -11.70 11.48
N GLY A 468 7.18 -11.06 12.16
CA GLY A 468 6.87 -10.05 13.16
C GLY A 468 6.11 -8.86 12.58
N VAL A 469 6.56 -8.38 11.43
CA VAL A 469 5.84 -7.34 10.71
C VAL A 469 4.51 -7.88 10.17
N SER A 470 4.49 -9.16 9.81
CA SER A 470 3.29 -9.83 9.34
C SER A 470 2.37 -10.13 10.52
N ASP A 471 2.87 -9.91 11.73
CA ASP A 471 2.14 -10.19 12.96
C ASP A 471 1.74 -11.66 13.09
N VAL A 472 2.57 -12.53 12.52
CA VAL A 472 2.37 -13.97 12.70
C VAL A 472 3.08 -14.43 13.96
N ASP A 473 2.34 -15.09 14.84
CA ASP A 473 2.89 -15.54 16.12
C ASP A 473 4.24 -16.20 15.95
N SER A 474 5.22 -15.79 16.74
CA SER A 474 6.58 -16.29 16.61
C SER A 474 6.62 -17.81 16.76
N GLU A 475 5.90 -18.34 17.74
CA GLU A 475 5.86 -19.77 17.98
C GLU A 475 5.16 -20.54 16.86
N THR A 476 4.17 -19.92 16.22
CA THR A 476 3.42 -20.59 15.15
C THR A 476 4.27 -20.77 13.89
N TRP A 477 4.99 -19.74 13.48
CA TRP A 477 5.82 -19.83 12.29
C TRP A 477 7.07 -20.67 12.55
N LYS A 478 7.60 -20.59 13.77
CA LYS A 478 8.71 -21.46 14.17
C LYS A 478 8.28 -22.92 14.04
N SER A 479 7.09 -23.21 14.54
CA SER A 479 6.47 -24.52 14.39
C SER A 479 6.45 -24.98 12.93
N VAL A 480 5.90 -24.14 12.06
CA VAL A 480 5.82 -24.46 10.63
C VAL A 480 7.21 -24.64 10.01
N LEU A 481 8.14 -23.80 10.43
CA LEU A 481 9.54 -23.92 10.00
C LEU A 481 10.16 -25.27 10.34
N SER A 482 9.77 -25.79 11.51
CA SER A 482 10.26 -27.08 11.97
C SER A 482 9.82 -28.25 11.10
N GLU A 483 8.59 -28.21 10.59
CA GLU A 483 8.12 -29.29 9.74
C GLU A 483 8.82 -29.31 8.37
N VAL A 484 9.29 -28.16 7.91
CA VAL A 484 9.95 -28.10 6.60
C VAL A 484 11.48 -28.11 6.69
N ASP A 485 12.01 -27.31 7.62
CA ASP A 485 13.44 -27.28 7.91
C ASP A 485 13.76 -28.34 8.97
N LYS A 486 13.59 -29.60 8.60
CA LYS A 486 13.85 -30.69 9.52
C LYS A 486 15.33 -30.74 9.90
N ASN A 487 16.15 -30.00 9.15
CA ASN A 487 17.60 -30.06 9.30
C ASN A 487 18.14 -28.89 10.12
N GLY A 490 19.20 -23.93 9.54
CA GLY A 490 18.99 -22.62 10.14
C GLY A 490 18.76 -21.53 9.10
N GLU A 491 18.23 -21.91 7.95
CA GLU A 491 17.98 -20.99 6.85
C GLU A 491 17.00 -21.60 5.86
N VAL A 492 16.25 -20.76 5.14
CA VAL A 492 15.29 -21.26 4.18
C VAL A 492 15.48 -20.65 2.79
N ASP A 493 15.26 -21.46 1.76
CA ASP A 493 15.17 -20.96 0.39
C ASP A 493 13.75 -20.53 0.04
N PHE A 494 13.55 -20.06 -1.18
CA PHE A 494 12.25 -19.51 -1.58
C PHE A 494 11.14 -20.55 -1.45
N ASP A 495 11.41 -21.77 -1.89
CA ASP A 495 10.39 -22.81 -1.94
C ASP A 495 9.96 -23.25 -0.54
N GLU A 496 10.92 -23.35 0.37
CA GLU A 496 10.62 -23.58 1.79
C GLU A 496 9.75 -22.46 2.35
N PHE A 497 10.19 -21.23 2.16
CA PHE A 497 9.42 -20.07 2.58
C PHE A 497 7.98 -20.12 2.08
N GLN A 498 7.79 -20.49 0.81
CA GLN A 498 6.45 -20.60 0.25
C GLN A 498 5.65 -21.74 0.88
N GLN A 499 6.32 -22.86 1.16
CA GLN A 499 5.69 -23.96 1.88
C GLN A 499 5.25 -23.51 3.27
N MET A 500 6.11 -22.72 3.92
CA MET A 500 5.80 -22.15 5.22
C MET A 500 4.48 -21.39 5.18
N LEU A 501 4.32 -20.60 4.13
CA LEU A 501 3.11 -19.80 3.94
C LEU A 501 1.88 -20.65 3.66
N LEU A 502 2.06 -21.72 2.89
CA LEU A 502 0.98 -22.66 2.63
C LEU A 502 0.51 -23.33 3.91
N LYS A 503 1.46 -23.70 4.76
CA LYS A 503 1.15 -24.26 6.08
C LYS A 503 0.46 -23.25 6.98
N LEU A 504 0.79 -21.98 6.77
CA LEU A 504 0.24 -20.89 7.57
C LEU A 504 -1.14 -20.45 7.10
N CYS A 505 -1.63 -21.07 6.02
CA CYS A 505 -3.00 -20.86 5.56
C CYS A 505 -3.76 -22.19 5.43
N GLY A 506 -3.48 -23.10 6.36
CA GLY A 506 -4.26 -24.32 6.50
C GLY A 506 -3.92 -25.41 5.52
N ASN A 507 -2.87 -25.21 4.73
CA ASN A 507 -2.43 -26.22 3.76
C ASN A 507 -1.13 -26.88 4.19
N1 B43 B . -4.43 7.74 -9.24
C1 B43 B . -3.41 6.75 -9.05
N4 B43 B . -2.43 6.65 -9.97
C23 B43 B . -1.43 5.75 -9.83
N3 B43 B . -1.40 4.92 -8.78
C22 B43 B . -2.37 4.98 -7.80
C2 B43 B . -3.41 5.89 -7.90
N2 B43 B . -2.53 4.24 -6.65
C17 B43 B . -1.66 3.20 -6.19
C21 B43 B . -2.26 1.88 -5.98
C20 B43 B . -1.19 1.10 -5.28
C19 B43 B . 0.13 1.74 -5.68
C18 B43 B . -0.26 2.93 -6.54
C16 B43 B . -3.63 4.66 -6.00
C3 B43 B . -4.21 5.69 -6.73
C4 B43 B . -5.49 6.34 -6.28
C15 B43 B . -6.18 5.73 -5.24
C14 B43 B . -7.37 6.28 -4.80
C7 B43 B . -7.90 7.40 -5.37
C6 B43 B . -7.23 8.00 -6.41
C5 B43 B . -6.03 7.46 -6.87
O B43 B . -9.09 7.93 -4.93
C8 B43 B . -8.94 9.02 -4.09
C13 B43 B . -7.71 9.62 -3.86
C12 B43 B . -7.61 10.71 -3.00
C11 B43 B . -8.75 11.21 -2.38
C10 B43 B . -9.98 10.62 -2.61
C9 B43 B . -10.07 9.53 -3.46
HN1 B43 B . -5.30 7.49 -9.22
HN1A B43 B . -4.20 8.61 -9.39
H23 B43 B . -0.74 5.70 -10.51
H17 B43 B . -1.45 3.48 -5.28
H21 B43 B . -3.05 1.96 -5.41
H21A B43 B . -2.49 1.47 -6.84
H20 B43 B . -1.21 0.17 -5.57
H20A B43 B . -1.32 1.14 -4.32
H19 B43 B . 0.67 1.12 -6.20
H19A B43 B . 0.61 2.04 -4.89
H18 B43 B . -0.18 2.71 -7.49
H18A B43 B . 0.30 3.69 -6.32
H16 B43 B . -3.96 4.30 -5.17
H15 B43 B . -5.82 4.94 -4.82
H14 B43 B . -7.84 5.85 -4.07
H6 B43 B . -7.59 8.80 -6.84
H5 B43 B . -5.56 7.88 -7.59
H13 B43 B . -6.91 9.27 -4.29
H12 B43 B . -6.76 11.13 -2.84
H11 B43 B . -8.68 11.98 -1.79
H10 B43 B . -10.78 10.96 -2.18
H9 B43 B . -10.93 9.11 -3.63
#